data_2H5Z
#
_entry.id   2H5Z
#
_cell.length_a   35.953
_cell.length_b   78.809
_cell.length_c   44.792
_cell.angle_alpha   90.00
_cell.angle_beta   102.16
_cell.angle_gamma   90.00
#
_symmetry.space_group_name_H-M   'P 1 21 1'
#
loop_
_entity.id
_entity.type
_entity.pdbx_description
1 polymer 'Lysozyme 1'
2 branched 2-acetamido-2-deoxy-beta-D-glucopyranose-(1-4)-2-acetamido-2-deoxy-beta-D-glucopyranose-(1-4)-2-acetamido-2-deoxy-beta-D-glucopyranose
3 water water
#
_entity_poly.entity_id   1
_entity_poly.type   'polypeptide(L)'
_entity_poly.pdbx_seq_one_letter_code
;KTFTRCSLAREMYALGVPKSELPQWTCIAEHESSYRTNVVGPTNSNGSNDYGIFQINNYYWCQPSNGRFSYNECHLSCDA
LLTDNISNSVTCARKIKSQQGWTAWSTWKYCSGSLPSINDCF
;
_entity_poly.pdbx_strand_id   A,B
#
loop_
_chem_comp.id
_chem_comp.type
_chem_comp.name
_chem_comp.formula
NAG D-saccharide, beta linking 2-acetamido-2-deoxy-beta-D-glucopyranose 'C8 H15 N O6'
#
# COMPACT_ATOMS: atom_id res chain seq x y z
N LYS A 1 10.10 -9.12 -24.39
CA LYS A 1 9.98 -10.59 -24.24
C LYS A 1 10.03 -10.98 -22.75
N THR A 2 11.13 -11.60 -22.32
CA THR A 2 11.23 -12.10 -20.94
C THR A 2 12.49 -11.67 -20.22
N PHE A 3 12.28 -11.12 -19.04
CA PHE A 3 13.37 -10.69 -18.21
C PHE A 3 13.79 -11.84 -17.33
N THR A 4 14.88 -11.67 -16.64
CA THR A 4 15.30 -12.50 -15.55
C THR A 4 15.36 -11.54 -14.36
N ARG A 5 15.37 -12.09 -13.16
CA ARG A 5 15.45 -11.28 -11.96
C ARG A 5 16.44 -10.15 -12.12
N CYS A 6 17.68 -10.48 -12.49
CA CYS A 6 18.72 -9.47 -12.52
C CYS A 6 18.61 -8.46 -13.65
N SER A 7 18.21 -8.93 -14.83
CA SER A 7 18.05 -8.00 -15.93
C SER A 7 16.94 -7.01 -15.58
N LEU A 8 15.90 -7.49 -14.90
CA LEU A 8 14.82 -6.62 -14.59
C LEU A 8 15.26 -5.65 -13.53
N ALA A 9 15.95 -6.18 -12.52
CA ALA A 9 16.50 -5.36 -11.44
C ALA A 9 17.39 -4.25 -12.02
N ARG A 10 18.25 -4.66 -12.96
CA ARG A 10 19.16 -3.73 -13.60
C ARG A 10 18.37 -2.66 -14.35
N GLU A 11 17.38 -3.08 -15.15
CA GLU A 11 16.64 -2.09 -15.89
C GLU A 11 15.88 -1.13 -14.98
N MET A 12 15.27 -1.66 -13.93
CA MET A 12 14.47 -0.82 -13.07
C MET A 12 15.33 0.17 -12.29
N TYR A 13 16.45 -0.32 -11.77
CA TYR A 13 17.48 0.56 -11.18
C TYR A 13 17.82 1.62 -12.19
N ALA A 14 18.05 1.20 -13.43
CA ALA A 14 18.46 2.17 -14.45
C ALA A 14 17.41 3.28 -14.57
N LEU A 15 16.16 2.88 -14.40
CA LEU A 15 15.03 3.73 -14.64
C LEU A 15 14.72 4.55 -13.40
N GLY A 16 15.43 4.29 -12.32
CA GLY A 16 15.33 5.17 -11.17
C GLY A 16 14.77 4.51 -9.95
N VAL A 17 14.47 3.23 -10.07
CA VAL A 17 13.94 2.44 -8.97
C VAL A 17 15.05 2.17 -7.94
N PRO A 18 14.75 2.45 -6.66
CA PRO A 18 15.72 2.24 -5.59
C PRO A 18 16.02 0.78 -5.45
N LYS A 19 17.29 0.45 -5.31
CA LYS A 19 17.68 -0.95 -5.21
C LYS A 19 16.92 -1.57 -4.06
N SER A 20 16.56 -0.75 -3.09
CA SER A 20 15.83 -1.25 -1.90
C SER A 20 14.53 -1.98 -2.29
N GLU A 21 13.94 -1.57 -3.40
CA GLU A 21 12.62 -2.05 -3.82
C GLU A 21 12.69 -3.19 -4.80
N LEU A 22 13.89 -3.44 -5.32
CA LEU A 22 14.06 -4.39 -6.42
C LEU A 22 13.75 -5.85 -6.08
N PRO A 23 14.11 -6.33 -4.88
CA PRO A 23 13.69 -7.71 -4.63
C PRO A 23 12.21 -7.81 -4.69
N GLN A 24 11.54 -6.83 -4.12
CA GLN A 24 10.08 -6.81 -4.19
C GLN A 24 9.53 -6.72 -5.62
N TRP A 25 9.98 -5.73 -6.39
CA TRP A 25 9.53 -5.62 -7.75
C TRP A 25 9.72 -6.91 -8.55
N THR A 26 10.88 -7.53 -8.41
CA THR A 26 11.17 -8.67 -9.26
C THR A 26 10.36 -9.87 -8.79
N CYS A 27 10.16 -9.96 -7.49
CA CYS A 27 9.28 -11.02 -6.92
C CYS A 27 7.90 -10.82 -7.54
N ILE A 28 7.41 -9.60 -7.52
CA ILE A 28 6.09 -9.33 -8.06
C ILE A 28 6.06 -9.72 -9.53
N ALA A 29 7.10 -9.28 -10.27
CA ALA A 29 7.11 -9.55 -11.70
C ALA A 29 7.12 -11.06 -11.98
N GLU A 30 7.95 -11.81 -11.25
CA GLU A 30 7.99 -13.25 -11.38
C GLU A 30 6.60 -13.83 -11.15
N HIS A 31 5.93 -13.39 -10.09
CA HIS A 31 4.60 -13.89 -9.82
C HIS A 31 3.59 -13.43 -10.86
N GLU A 32 3.65 -12.17 -11.24
CA GLU A 32 2.62 -11.64 -12.13
C GLU A 32 2.72 -12.15 -13.56
N SER A 33 3.93 -12.21 -14.08
CA SER A 33 4.04 -12.29 -15.53
C SER A 33 5.15 -13.21 -15.93
N SER A 34 5.75 -13.86 -14.94
CA SER A 34 7.00 -14.60 -15.13
C SER A 34 7.97 -13.75 -15.91
N TYR A 35 7.96 -12.46 -15.66
CA TYR A 35 8.91 -11.54 -16.26
C TYR A 35 8.60 -11.25 -17.71
N ARG A 36 7.44 -11.65 -18.18
CA ARG A 36 7.08 -11.37 -19.55
C ARG A 36 6.53 -9.97 -19.67
N THR A 37 6.99 -9.22 -20.67
CA THR A 37 6.50 -7.85 -20.84
C THR A 37 5.19 -7.82 -21.60
N ASN A 38 4.98 -8.80 -22.48
CA ASN A 38 3.86 -8.64 -23.37
C ASN A 38 2.57 -9.42 -22.97
N VAL A 39 2.42 -9.74 -21.70
CA VAL A 39 1.30 -10.54 -21.24
C VAL A 39 0.09 -9.70 -20.90
N VAL A 40 -1.06 -10.12 -21.43
CA VAL A 40 -2.33 -9.63 -20.95
C VAL A 40 -2.88 -10.79 -20.20
N GLY A 41 -3.15 -10.61 -18.94
CA GLY A 41 -3.54 -11.74 -18.11
C GLY A 41 -4.96 -12.19 -18.44
N PRO A 42 -5.38 -13.35 -17.93
CA PRO A 42 -6.72 -13.84 -18.20
C PRO A 42 -7.72 -12.80 -17.69
N THR A 43 -8.87 -12.73 -18.35
CA THR A 43 -9.86 -11.75 -17.94
C THR A 43 -10.33 -11.99 -16.51
N ASN A 44 -10.36 -10.92 -15.73
CA ASN A 44 -10.82 -11.01 -14.38
C ASN A 44 -12.32 -11.17 -14.32
N SER A 45 -12.83 -11.59 -13.17
CA SER A 45 -14.27 -11.79 -12.95
C SER A 45 -15.08 -10.52 -13.24
N ASN A 46 -14.43 -9.39 -13.19
CA ASN A 46 -15.09 -8.13 -13.50
C ASN A 46 -14.90 -7.65 -14.93
N GLY A 47 -14.34 -8.52 -15.77
CA GLY A 47 -14.14 -8.19 -17.15
C GLY A 47 -12.89 -7.39 -17.42
N SER A 48 -12.10 -7.05 -16.38
CA SER A 48 -10.86 -6.35 -16.62
C SER A 48 -9.78 -7.31 -17.03
N ASN A 49 -8.70 -6.73 -17.54
CA ASN A 49 -7.52 -7.51 -17.82
C ASN A 49 -6.34 -6.76 -17.28
N ASP A 50 -5.32 -7.49 -16.87
CA ASP A 50 -4.07 -6.90 -16.40
C ASP A 50 -3.00 -6.99 -17.48
N TYR A 51 -2.11 -6.02 -17.46
CA TYR A 51 -1.26 -5.78 -18.58
C TYR A 51 0.19 -5.74 -18.16
N GLY A 52 0.97 -6.54 -18.85
CA GLY A 52 2.38 -6.33 -18.85
C GLY A 52 3.04 -7.06 -17.75
N ILE A 53 4.30 -6.69 -17.56
CA ILE A 53 5.16 -7.37 -16.65
C ILE A 53 4.69 -7.30 -15.20
N PHE A 54 4.02 -6.22 -14.83
CA PHE A 54 3.48 -6.08 -13.52
C PHE A 54 1.96 -6.29 -13.52
N GLN A 55 1.39 -6.73 -14.63
CA GLN A 55 -0.03 -7.03 -14.63
C GLN A 55 -0.88 -5.92 -13.98
N ILE A 56 -0.83 -4.75 -14.60
CA ILE A 56 -1.51 -3.56 -14.18
C ILE A 56 -2.87 -3.59 -14.81
N ASN A 57 -3.89 -3.28 -14.00
CA ASN A 57 -5.25 -3.51 -14.32
C ASN A 57 -5.84 -2.47 -15.27
N ASN A 58 -6.52 -2.90 -16.32
CA ASN A 58 -7.01 -1.96 -17.32
C ASN A 58 -8.29 -1.22 -16.93
N TYR A 59 -8.78 -1.43 -15.72
CA TYR A 59 -9.92 -0.68 -15.23
C TYR A 59 -9.48 0.53 -14.39
N TYR A 60 -8.36 0.38 -13.68
CA TYR A 60 -7.88 1.43 -12.79
C TYR A 60 -6.71 2.27 -13.31
N TRP A 61 -5.85 1.67 -14.11
CA TRP A 61 -4.53 2.25 -14.27
C TRP A 61 -4.13 2.63 -15.68
N CYS A 62 -4.69 1.91 -16.66
CA CYS A 62 -4.36 2.21 -18.01
C CYS A 62 -5.62 2.19 -18.81
N GLN A 63 -5.55 2.83 -19.98
CA GLN A 63 -6.73 2.98 -20.82
C GLN A 63 -6.71 1.89 -21.87
N PRO A 64 -7.68 0.96 -21.81
CA PRO A 64 -7.79 0.02 -22.90
C PRO A 64 -7.91 0.78 -24.22
N SER A 65 -7.07 0.44 -25.19
CA SER A 65 -7.16 1.01 -26.58
C SER A 65 -8.46 0.63 -27.28
N ASN A 66 -9.17 -0.34 -26.72
CA ASN A 66 -10.47 -0.74 -27.23
C ASN A 66 -11.63 0.09 -26.75
N GLY A 67 -11.35 1.09 -25.92
CA GLY A 67 -12.35 2.13 -25.56
C GLY A 67 -13.03 1.89 -24.21
N ARG A 68 -12.87 0.68 -23.68
CA ARG A 68 -13.39 0.28 -22.37
C ARG A 68 -13.14 1.34 -21.27
N PHE A 69 -14.19 1.73 -20.55
CA PHE A 69 -13.98 2.66 -19.46
C PHE A 69 -12.83 2.24 -18.52
N SER A 70 -11.99 3.21 -18.23
CA SER A 70 -10.98 3.07 -17.22
C SER A 70 -10.72 4.37 -16.52
N TYR A 71 -10.35 4.24 -15.27
CA TYR A 71 -9.78 5.37 -14.52
C TYR A 71 -8.47 5.84 -15.11
N ASN A 72 -7.77 4.97 -15.82
CA ASN A 72 -6.50 5.33 -16.46
C ASN A 72 -5.63 6.22 -15.57
N GLU A 73 -5.41 5.75 -14.36
CA GLU A 73 -4.69 6.55 -13.38
C GLU A 73 -3.20 6.68 -13.73
N CYS A 74 -2.70 5.80 -14.57
CA CYS A 74 -1.33 5.98 -15.07
C CYS A 74 -1.24 6.87 -16.31
N HIS A 75 -2.41 7.20 -16.89
CA HIS A 75 -2.47 8.06 -18.05
C HIS A 75 -1.72 7.44 -19.22
N LEU A 76 -2.06 6.20 -19.56
CA LEU A 76 -1.49 5.56 -20.72
C LEU A 76 -2.38 4.48 -21.25
N SER A 77 -2.27 4.25 -22.55
CA SER A 77 -2.80 3.06 -23.13
C SER A 77 -2.29 1.80 -22.39
N CYS A 78 -3.18 0.86 -22.13
CA CYS A 78 -2.75 -0.48 -21.71
C CYS A 78 -1.70 -1.08 -22.67
N ASP A 79 -1.76 -0.69 -23.95
CA ASP A 79 -0.83 -1.25 -24.87
C ASP A 79 0.55 -0.78 -24.52
N ALA A 80 0.67 0.46 -24.05
CA ALA A 80 1.92 1.04 -23.59
C ALA A 80 2.58 0.17 -22.52
N LEU A 81 1.80 -0.67 -21.86
CA LEU A 81 2.31 -1.55 -20.82
C LEU A 81 2.78 -2.92 -21.33
N LEU A 82 2.70 -3.10 -22.64
CA LEU A 82 3.03 -4.40 -23.17
C LEU A 82 4.30 -4.36 -23.95
N THR A 83 4.95 -3.21 -23.94
CA THR A 83 6.12 -3.00 -24.81
C THR A 83 7.37 -3.70 -24.29
N ASP A 84 8.32 -3.99 -25.17
CA ASP A 84 9.56 -4.59 -24.70
C ASP A 84 10.28 -3.64 -23.71
N ASN A 85 10.12 -2.33 -23.92
CA ASN A 85 10.62 -1.30 -23.05
C ASN A 85 9.71 -1.17 -21.83
N ILE A 86 10.23 -1.50 -20.66
CA ILE A 86 9.42 -1.56 -19.45
C ILE A 86 9.22 -0.18 -18.81
N SER A 87 9.76 0.85 -19.41
CA SER A 87 9.72 2.18 -18.84
C SER A 87 8.28 2.52 -18.38
N ASN A 88 7.29 2.36 -19.28
CA ASN A 88 5.94 2.74 -18.90
C ASN A 88 5.41 1.87 -17.81
N SER A 89 5.64 0.57 -17.94
CA SER A 89 5.18 -0.28 -16.88
C SER A 89 5.87 0.09 -15.59
N VAL A 90 7.15 0.48 -15.65
CA VAL A 90 7.83 0.82 -14.38
C VAL A 90 7.23 2.06 -13.71
N THR A 91 7.05 3.12 -14.47
CA THR A 91 6.48 4.32 -13.94
C THR A 91 5.08 4.10 -13.40
N CYS A 92 4.27 3.38 -14.15
CA CYS A 92 2.93 3.16 -13.75
C CYS A 92 2.90 2.30 -12.48
N ALA A 93 3.57 1.11 -12.51
CA ALA A 93 3.77 0.31 -11.28
C ALA A 93 4.25 1.16 -10.03
N ARG A 94 5.21 2.03 -10.24
CA ARG A 94 5.66 2.88 -9.19
C ARG A 94 4.56 3.83 -8.72
N LYS A 95 3.74 4.32 -9.65
CA LYS A 95 2.70 5.22 -9.23
C LYS A 95 1.68 4.45 -8.39
N ILE A 96 1.37 3.24 -8.84
CA ILE A 96 0.42 2.38 -8.17
C ILE A 96 0.93 2.08 -6.78
N LYS A 97 2.22 1.69 -6.69
CA LYS A 97 2.81 1.49 -5.38
C LYS A 97 2.68 2.72 -4.53
N SER A 98 2.92 3.88 -5.15
CA SER A 98 2.90 5.09 -4.41
C SER A 98 1.54 5.38 -3.84
N GLN A 99 0.52 4.97 -4.55
CA GLN A 99 -0.84 5.32 -4.17
C GLN A 99 -1.42 4.23 -3.28
N GLN A 100 -1.23 2.98 -3.69
CA GLN A 100 -1.91 1.90 -2.99
C GLN A 100 -0.95 0.94 -2.33
N GLY A 101 0.33 1.14 -2.54
CA GLY A 101 1.31 0.32 -1.87
C GLY A 101 1.46 -0.98 -2.62
N TRP A 102 2.49 -1.72 -2.23
CA TRP A 102 2.68 -3.09 -2.71
C TRP A 102 1.43 -3.96 -2.64
N THR A 103 0.68 -3.75 -1.57
CA THR A 103 -0.58 -4.44 -1.29
C THR A 103 -1.56 -4.32 -2.46
N ALA A 104 -1.33 -3.36 -3.35
CA ALA A 104 -2.13 -3.30 -4.56
C ALA A 104 -1.95 -4.57 -5.42
N TRP A 105 -0.83 -5.25 -5.28
CA TRP A 105 -0.68 -6.55 -5.95
C TRP A 105 -1.16 -7.71 -5.09
N SER A 106 -2.00 -8.55 -5.69
CA SER A 106 -2.40 -9.83 -5.04
C SER A 106 -1.20 -10.65 -4.70
N THR A 107 -0.20 -10.65 -5.56
CA THR A 107 0.99 -11.47 -5.32
C THR A 107 1.90 -10.90 -4.21
N TRP A 108 1.62 -9.69 -3.75
CA TRP A 108 2.45 -9.10 -2.71
C TRP A 108 2.54 -10.03 -1.52
N LYS A 109 1.46 -10.80 -1.31
CA LYS A 109 1.37 -11.65 -0.15
C LYS A 109 2.53 -12.67 -0.17
N TYR A 110 3.07 -12.95 -1.35
CA TYR A 110 4.21 -13.87 -1.48
C TYR A 110 5.51 -13.15 -1.38
N CYS A 111 5.44 -11.85 -1.62
CA CYS A 111 6.61 -11.03 -1.87
C CYS A 111 6.96 -10.11 -0.70
N SER A 112 6.24 -10.26 0.40
CA SER A 112 6.34 -9.35 1.53
C SER A 112 7.34 -9.83 2.60
N GLY A 113 7.88 -11.04 2.41
CA GLY A 113 8.84 -11.65 3.33
C GLY A 113 10.27 -11.18 3.08
N SER A 114 11.23 -11.91 3.67
CA SER A 114 12.66 -11.59 3.59
C SER A 114 13.26 -12.09 2.28
N LEU A 115 13.09 -11.27 1.27
CA LEU A 115 13.48 -11.65 -0.05
C LEU A 115 14.98 -11.63 -0.14
N PRO A 116 15.56 -12.48 -1.00
CA PRO A 116 17.01 -12.44 -1.22
C PRO A 116 17.51 -11.05 -1.68
N SER A 117 18.75 -10.74 -1.32
CA SER A 117 19.40 -9.53 -1.75
C SER A 117 19.42 -9.43 -3.29
N ILE A 118 19.39 -8.21 -3.78
CA ILE A 118 19.44 -7.98 -5.23
C ILE A 118 20.88 -7.67 -5.63
N ASN A 119 21.74 -7.64 -4.63
CA ASN A 119 23.10 -7.21 -4.82
C ASN A 119 23.90 -7.99 -5.86
N ASP A 120 23.62 -9.31 -5.91
CA ASP A 120 24.18 -10.22 -6.91
C ASP A 120 23.86 -9.77 -8.34
N CYS A 121 22.83 -8.93 -8.50
CA CYS A 121 22.46 -8.38 -9.80
C CYS A 121 23.30 -7.20 -10.30
N PHE A 122 24.07 -6.61 -9.37
CA PHE A 122 24.81 -5.39 -9.64
C PHE A 122 26.30 -5.61 -9.60
N LYS B 1 -0.20 1.27 26.00
CA LYS B 1 0.14 2.74 26.01
C LYS B 1 1.19 3.12 24.95
N THR B 2 2.36 2.46 24.97
CA THR B 2 3.30 2.60 23.84
C THR B 2 3.66 1.24 23.31
N PHE B 3 3.35 1.04 22.03
CA PHE B 3 3.64 -0.21 21.38
C PHE B 3 5.05 -0.13 20.88
N THR B 4 5.56 -1.27 20.47
CA THR B 4 6.71 -1.33 19.63
C THR B 4 6.18 -1.88 18.34
N ARG B 5 7.01 -1.79 17.31
CA ARG B 5 6.75 -2.39 16.02
C ARG B 5 6.14 -3.79 16.13
N CYS B 6 6.77 -4.66 16.90
CA CYS B 6 6.38 -6.03 16.92
C CYS B 6 5.20 -6.29 17.80
N SER B 7 5.09 -5.58 18.91
CA SER B 7 3.89 -5.81 19.69
C SER B 7 2.66 -5.31 18.90
N LEU B 8 2.79 -4.21 18.18
CA LEU B 8 1.72 -3.72 17.38
C LEU B 8 1.39 -4.72 16.28
N ALA B 9 2.45 -5.23 15.63
CA ALA B 9 2.30 -6.13 14.47
C ALA B 9 1.52 -7.30 14.99
N ARG B 10 2.00 -7.85 16.12
CA ARG B 10 1.38 -9.04 16.65
C ARG B 10 -0.06 -8.83 16.95
N GLU B 11 -0.38 -7.72 17.62
CA GLU B 11 -1.79 -7.51 18.01
C GLU B 11 -2.68 -7.27 16.76
N MET B 12 -2.15 -6.57 15.78
CA MET B 12 -2.95 -6.26 14.60
C MET B 12 -3.27 -7.53 13.82
N TYR B 13 -2.25 -8.34 13.66
CA TYR B 13 -2.39 -9.69 13.16
C TYR B 13 -3.42 -10.50 13.96
N ALA B 14 -3.29 -10.54 15.28
CA ALA B 14 -4.30 -11.19 16.15
C ALA B 14 -5.71 -10.70 15.82
N LEU B 15 -5.80 -9.39 15.57
CA LEU B 15 -7.05 -8.71 15.23
C LEU B 15 -7.47 -8.88 13.80
N GLY B 16 -6.66 -9.62 13.03
CA GLY B 16 -7.09 -10.01 11.71
C GLY B 16 -6.42 -9.21 10.60
N VAL B 17 -5.40 -8.42 10.89
CA VAL B 17 -4.76 -7.66 9.84
C VAL B 17 -3.79 -8.55 9.14
N PRO B 18 -3.86 -8.63 7.80
CA PRO B 18 -2.95 -9.57 7.14
C PRO B 18 -1.49 -9.16 7.36
N LYS B 19 -0.59 -10.14 7.47
CA LYS B 19 0.82 -9.82 7.71
C LYS B 19 1.34 -8.98 6.61
N SER B 20 0.79 -9.18 5.42
CA SER B 20 1.31 -8.50 4.22
C SER B 20 1.12 -6.99 4.38
N GLU B 21 0.29 -6.59 5.31
CA GLU B 21 0.08 -5.16 5.48
C GLU B 21 0.86 -4.61 6.65
N LEU B 22 1.38 -5.51 7.49
CA LEU B 22 1.87 -5.05 8.78
C LEU B 22 3.07 -4.07 8.76
N PRO B 23 4.08 -4.29 7.90
CA PRO B 23 5.14 -3.26 7.86
C PRO B 23 4.52 -1.88 7.61
N GLN B 24 3.53 -1.81 6.75
CA GLN B 24 2.94 -0.55 6.38
C GLN B 24 2.26 0.08 7.57
N TRP B 25 1.42 -0.71 8.24
CA TRP B 25 0.70 -0.19 9.41
C TRP B 25 1.62 0.31 10.55
N THR B 26 2.65 -0.46 10.83
CA THR B 26 3.48 -0.15 11.94
C THR B 26 4.33 1.03 11.52
N CYS B 27 4.73 1.09 10.25
CA CYS B 27 5.42 2.31 9.77
C CYS B 27 4.49 3.52 9.94
N ILE B 28 3.21 3.39 9.59
CA ILE B 28 2.28 4.49 9.80
C ILE B 28 2.18 4.85 11.29
N ALA B 29 1.96 3.84 12.14
CA ALA B 29 1.81 4.09 13.56
C ALA B 29 3.08 4.78 14.06
N GLU B 30 4.24 4.30 13.60
CA GLU B 30 5.48 4.86 14.07
C GLU B 30 5.52 6.34 13.73
N HIS B 31 5.20 6.69 12.48
CA HIS B 31 5.15 8.13 12.17
C HIS B 31 4.03 8.92 12.84
N GLU B 32 2.88 8.30 12.94
CA GLU B 32 1.70 9.05 13.33
C GLU B 32 1.74 9.34 14.80
N SER B 33 2.04 8.30 15.59
CA SER B 33 1.89 8.41 17.02
C SER B 33 3.09 7.94 17.79
N SER B 34 4.19 7.57 17.11
CA SER B 34 5.29 6.79 17.72
C SER B 34 4.73 5.62 18.56
N TYR B 35 3.70 4.97 18.00
CA TYR B 35 3.15 3.72 18.52
C TYR B 35 2.32 3.90 19.76
N ARG B 36 2.07 5.15 20.08
CA ARG B 36 1.30 5.52 21.26
C ARG B 36 -0.19 5.47 20.99
N THR B 37 -0.95 4.93 21.95
CA THR B 37 -2.37 4.75 21.77
C THR B 37 -3.22 5.96 22.15
N ASN B 38 -2.78 6.74 23.10
CA ASN B 38 -3.66 7.80 23.57
C ASN B 38 -3.28 9.23 23.18
N VAL B 39 -2.74 9.34 21.99
CA VAL B 39 -2.33 10.61 21.49
C VAL B 39 -3.46 11.19 20.65
N VAL B 40 -3.77 12.44 20.99
CA VAL B 40 -4.55 13.28 20.18
C VAL B 40 -3.54 14.23 19.57
N GLY B 41 -3.48 14.27 18.24
CA GLY B 41 -2.48 15.05 17.55
C GLY B 41 -2.77 16.54 17.66
N PRO B 42 -1.82 17.38 17.25
CA PRO B 42 -2.17 18.78 17.34
C PRO B 42 -3.21 19.12 16.27
N THR B 43 -3.89 20.22 16.52
CA THR B 43 -5.00 20.66 15.69
C THR B 43 -4.54 20.92 14.28
N ASN B 44 -5.28 20.32 13.34
CA ASN B 44 -4.95 20.47 11.93
C ASN B 44 -5.32 21.86 11.45
N SER B 45 -4.89 22.21 10.25
CA SER B 45 -5.21 23.49 9.65
C SER B 45 -6.73 23.69 9.48
N ASN B 46 -7.45 22.60 9.33
CA ASN B 46 -8.90 22.67 9.20
C ASN B 46 -9.59 22.49 10.54
N GLY B 47 -8.78 22.46 11.60
CA GLY B 47 -9.29 22.58 12.97
C GLY B 47 -9.61 21.23 13.56
N SER B 48 -9.36 20.21 12.77
CA SER B 48 -9.62 18.86 13.24
C SER B 48 -8.45 18.40 14.06
N ASN B 49 -8.72 17.32 14.79
CA ASN B 49 -7.68 16.66 15.49
C ASN B 49 -7.71 15.20 15.13
N ASP B 50 -6.55 14.58 15.26
CA ASP B 50 -6.37 13.19 14.92
C ASP B 50 -6.16 12.36 16.17
N TYR B 51 -6.65 11.13 16.14
CA TYR B 51 -6.76 10.36 17.37
C TYR B 51 -6.10 9.01 17.33
N GLY B 52 -5.30 8.78 18.39
CA GLY B 52 -4.79 7.46 18.71
C GLY B 52 -3.59 7.04 17.89
N ILE B 53 -3.27 5.78 18.00
CA ILE B 53 -2.06 5.22 17.41
C ILE B 53 -1.99 5.45 15.93
N PHE B 54 -3.14 5.58 15.28
CA PHE B 54 -3.16 5.84 13.84
C PHE B 54 -3.62 7.21 13.48
N GLN B 55 -3.77 8.10 14.46
CA GLN B 55 -4.13 9.51 14.17
C GLN B 55 -5.28 9.59 13.18
N ILE B 56 -6.41 9.08 13.66
CA ILE B 56 -7.62 8.97 12.88
C ILE B 56 -8.34 10.28 13.08
N ASN B 57 -8.80 10.85 11.98
CA ASN B 57 -9.29 12.19 11.95
C ASN B 57 -10.68 12.35 12.51
N ASN B 58 -10.86 13.39 13.33
CA ASN B 58 -12.16 13.58 13.94
C ASN B 58 -13.24 14.32 13.12
N TYR B 59 -13.02 14.58 11.83
CA TYR B 59 -14.08 15.19 11.02
C TYR B 59 -14.69 14.16 10.05
N TYR B 60 -13.87 13.17 9.68
CA TYR B 60 -14.31 12.13 8.77
C TYR B 60 -14.59 10.79 9.43
N TRP B 61 -13.87 10.46 10.50
CA TRP B 61 -13.86 9.08 10.95
C TRP B 61 -14.45 8.78 12.32
N CYS B 62 -14.27 9.67 13.27
CA CYS B 62 -14.76 9.42 14.61
C CYS B 62 -15.49 10.64 15.15
N GLN B 63 -16.34 10.39 16.12
CA GLN B 63 -17.17 11.48 16.62
C GLN B 63 -16.46 12.11 17.78
N PRO B 64 -16.10 13.37 17.65
CA PRO B 64 -15.51 13.99 18.85
C PRO B 64 -16.60 14.12 19.88
N SER B 65 -16.25 13.89 21.15
CA SER B 65 -17.25 13.89 22.25
C SER B 65 -17.97 15.22 22.41
N ASN B 66 -17.27 16.31 22.09
CA ASN B 66 -17.86 17.64 22.14
C ASN B 66 -19.00 17.85 21.16
N GLY B 67 -19.24 16.90 20.27
CA GLY B 67 -20.38 16.96 19.34
C GLY B 67 -20.15 17.77 18.07
N ARG B 68 -18.95 18.38 17.96
CA ARG B 68 -18.53 19.06 16.73
C ARG B 68 -18.92 18.09 15.67
N PHE B 69 -19.47 18.58 14.56
CA PHE B 69 -19.89 17.68 13.51
C PHE B 69 -18.74 16.85 12.96
N SER B 70 -19.03 15.58 12.74
CA SER B 70 -18.09 14.71 12.09
C SER B 70 -18.89 13.73 11.28
N TYR B 71 -18.40 13.38 10.10
CA TYR B 71 -18.98 12.26 9.38
C TYR B 71 -18.89 10.96 10.17
N ASN B 72 -17.98 10.93 11.14
CA ASN B 72 -17.87 9.77 12.01
C ASN B 72 -18.05 8.42 11.28
N GLU B 73 -17.29 8.22 10.20
CA GLU B 73 -17.45 7.06 9.30
C GLU B 73 -17.03 5.76 9.97
N CYS B 74 -16.21 5.86 11.01
CA CYS B 74 -15.95 4.68 11.78
C CYS B 74 -17.01 4.38 12.79
N HIS B 75 -17.98 5.27 12.94
CA HIS B 75 -19.10 5.07 13.85
C HIS B 75 -18.63 4.81 15.25
N LEU B 76 -17.77 5.68 15.75
CA LEU B 76 -17.35 5.62 17.17
C LEU B 76 -16.85 6.94 17.70
N SER B 77 -16.76 7.04 19.01
CA SER B 77 -16.23 8.25 19.51
C SER B 77 -14.72 8.21 19.34
N CYS B 78 -14.20 9.40 19.10
CA CYS B 78 -12.80 9.65 19.03
C CYS B 78 -12.09 9.12 20.27
N ASP B 79 -12.77 9.16 21.41
CA ASP B 79 -12.10 8.76 22.63
C ASP B 79 -11.84 7.27 22.65
N ALA B 80 -12.67 6.55 21.90
CA ALA B 80 -12.63 5.10 21.81
C ALA B 80 -11.38 4.70 21.04
N LEU B 81 -10.80 5.69 20.34
CA LEU B 81 -9.56 5.48 19.61
C LEU B 81 -8.32 5.79 20.45
N LEU B 82 -8.54 6.15 21.72
CA LEU B 82 -7.42 6.45 22.57
C LEU B 82 -7.19 5.37 23.63
N THR B 83 -7.95 4.29 23.56
CA THR B 83 -7.87 3.18 24.55
C THR B 83 -6.59 2.36 24.37
N ASP B 84 -6.17 1.69 25.42
CA ASP B 84 -4.99 0.82 25.33
C ASP B 84 -5.29 -0.36 24.40
N ASN B 85 -6.57 -0.75 24.34
CA ASN B 85 -7.01 -1.77 23.46
C ASN B 85 -7.09 -1.16 22.05
N ILE B 86 -6.26 -1.62 21.13
CA ILE B 86 -6.23 -0.97 19.82
C ILE B 86 -7.32 -1.43 18.87
N SER B 87 -8.22 -2.25 19.39
CA SER B 87 -9.19 -2.94 18.56
C SER B 87 -9.95 -1.89 17.72
N ASN B 88 -10.48 -0.85 18.39
CA ASN B 88 -11.26 0.15 17.67
C ASN B 88 -10.44 0.91 16.63
N SER B 89 -9.23 1.30 17.02
CA SER B 89 -8.34 2.00 16.11
C SER B 89 -8.03 1.07 14.95
N VAL B 90 -7.89 -0.20 15.26
CA VAL B 90 -7.55 -1.13 14.18
C VAL B 90 -8.71 -1.26 13.22
N THR B 91 -9.88 -1.60 13.74
CA THR B 91 -11.03 -1.67 12.85
C THR B 91 -11.26 -0.35 12.13
N CYS B 92 -11.19 0.78 12.83
CA CYS B 92 -11.37 2.06 12.16
C CYS B 92 -10.32 2.31 11.01
N ALA B 93 -9.03 2.18 11.34
CA ALA B 93 -7.95 2.23 10.37
C ALA B 93 -8.17 1.31 9.14
N ARG B 94 -8.55 0.05 9.35
CA ARG B 94 -8.83 -0.84 8.23
C ARG B 94 -9.94 -0.30 7.35
N LYS B 95 -10.95 0.24 8.00
CA LYS B 95 -12.04 0.91 7.31
C LYS B 95 -11.50 2.01 6.41
N ILE B 96 -10.76 2.93 7.01
CA ILE B 96 -10.16 4.02 6.23
C ILE B 96 -9.33 3.52 5.08
N LYS B 97 -8.46 2.56 5.37
CA LYS B 97 -7.67 1.91 4.30
C LYS B 97 -8.57 1.39 3.20
N SER B 98 -9.66 0.75 3.61
CA SER B 98 -10.55 0.19 2.64
C SER B 98 -11.21 1.27 1.77
N GLN B 99 -11.60 2.36 2.39
CA GLN B 99 -12.37 3.37 1.69
C GLN B 99 -11.52 4.41 1.00
N GLN B 100 -10.45 4.81 1.64
CA GLN B 100 -9.66 5.87 1.09
C GLN B 100 -8.30 5.38 0.70
N GLY B 101 -7.88 4.28 1.30
CA GLY B 101 -6.59 3.73 0.97
C GLY B 101 -5.55 4.30 1.88
N TRP B 102 -4.32 3.85 1.69
CA TRP B 102 -3.21 4.26 2.53
C TRP B 102 -3.00 5.75 2.53
N THR B 103 -3.24 6.42 1.41
CA THR B 103 -3.04 7.89 1.31
C THR B 103 -3.90 8.71 2.27
N ALA B 104 -4.87 8.07 2.91
CA ALA B 104 -5.53 8.72 4.00
C ALA B 104 -4.52 9.21 5.05
N TRP B 105 -3.36 8.55 5.17
CA TRP B 105 -2.35 9.00 6.13
C TRP B 105 -1.29 9.81 5.43
N SER B 106 -1.06 11.01 5.93
CA SER B 106 -0.01 11.86 5.38
C SER B 106 1.36 11.26 5.58
N THR B 107 1.47 10.30 6.49
CA THR B 107 2.72 9.57 6.73
C THR B 107 2.97 8.38 5.80
N TRP B 108 1.97 8.07 4.96
CA TRP B 108 2.07 7.01 3.99
C TRP B 108 3.19 7.27 2.98
N LYS B 109 3.37 8.53 2.59
CA LYS B 109 4.48 8.87 1.72
C LYS B 109 5.84 8.38 2.27
N TYR B 110 5.95 8.15 3.58
CA TYR B 110 7.13 7.51 4.18
C TYR B 110 7.17 6.01 4.19
N CYS B 111 6.02 5.39 4.00
CA CYS B 111 5.84 4.00 4.38
C CYS B 111 5.53 3.18 3.12
N SER B 112 5.70 3.83 1.97
CA SER B 112 5.13 3.27 0.75
C SER B 112 6.24 2.54 -0.03
N GLY B 113 7.43 2.46 0.59
CA GLY B 113 8.62 1.85 -0.05
C GLY B 113 8.93 0.47 0.50
N SER B 114 10.18 0.05 0.36
CA SER B 114 10.55 -1.29 0.78
C SER B 114 10.83 -1.39 2.28
N LEU B 115 9.81 -1.66 3.08
CA LEU B 115 9.96 -1.74 4.51
C LEU B 115 10.50 -3.12 4.91
N PRO B 116 11.05 -3.26 6.16
CA PRO B 116 11.52 -4.56 6.62
C PRO B 116 10.34 -5.53 6.68
N SER B 117 10.61 -6.81 6.42
CA SER B 117 9.57 -7.81 6.60
C SER B 117 9.14 -7.76 8.07
N ILE B 118 7.89 -8.08 8.32
CA ILE B 118 7.39 -8.15 9.68
C ILE B 118 7.70 -9.50 10.32
N ASN B 119 8.25 -10.42 9.53
CA ASN B 119 8.41 -11.82 9.96
C ASN B 119 9.15 -12.00 11.28
N ASP B 120 10.08 -11.10 11.52
CA ASP B 120 10.84 -11.14 12.76
C ASP B 120 9.97 -10.85 13.97
N CYS B 121 8.75 -10.37 13.75
CA CYS B 121 7.80 -10.10 14.82
C CYS B 121 6.99 -11.37 15.16
N PHE B 122 7.15 -12.42 14.38
CA PHE B 122 6.37 -13.64 14.55
C PHE B 122 7.21 -14.89 14.84
C1 NAG C . -6.66 12.97 7.63
C2 NAG C . -7.43 11.67 7.33
C3 NAG C . -7.95 11.58 5.91
C4 NAG C . -8.60 12.88 5.46
C5 NAG C . -7.80 14.14 5.83
C6 NAG C . -8.58 15.42 5.57
C7 NAG C . -6.91 9.84 8.72
C8 NAG C . -5.85 8.80 9.02
N2 NAG C . -6.66 10.50 7.60
O1 NAG C . -6.38 13.08 9.04
O3 NAG C . -8.92 10.55 5.91
O4 NAG C . -8.69 12.82 4.05
O5 NAG C . -7.48 14.09 7.23
O6 NAG C . -7.61 16.43 5.79
O7 NAG C . -7.90 10.05 9.42
C1 NAG C . -10.04 13.00 3.66
C2 NAG C . -10.05 13.49 2.22
C3 NAG C . -11.47 13.58 1.65
C4 NAG C . -12.21 12.25 1.85
C5 NAG C . -12.12 11.88 3.34
C6 NAG C . -12.86 10.60 3.73
C7 NAG C . -8.04 14.85 1.71
C8 NAG C . -7.62 16.25 1.33
N2 NAG C . -9.31 14.73 2.14
O3 NAG C . -11.36 13.72 0.26
O4 NAG C . -13.56 12.44 1.41
O5 NAG C . -10.75 11.77 3.71
O6 NAG C . -12.23 9.48 3.08
O7 NAG C . -7.24 13.91 1.63
C1 NAG C . -14.15 11.42 0.61
C2 NAG C . -15.65 11.65 0.72
C3 NAG C . -16.41 10.69 -0.18
C4 NAG C . -15.94 10.86 -1.62
C5 NAG C . -14.40 10.80 -1.75
C6 NAG C . -13.99 11.27 -3.15
C7 NAG C . -16.74 12.45 2.74
C8 NAG C . -17.38 12.06 4.05
N2 NAG C . -16.05 11.50 2.10
O3 NAG C . -17.82 10.94 -0.07
O4 NAG C . -16.51 9.86 -2.50
O5 NAG C . -13.72 11.59 -0.76
O6 NAG C . -15.01 10.90 -4.10
O7 NAG C . -16.86 13.58 2.30
#